data_6NUP
#
_entry.id   6NUP
#
_cell.length_a   32.740
_cell.length_b   45.160
_cell.length_c   60.930
_cell.angle_alpha   90.000
_cell.angle_beta   90.000
_cell.angle_gamma   90.000
#
_symmetry.space_group_name_H-M   'P 21 21 21'
#
loop_
_entity.id
_entity.type
_entity.pdbx_description
1 polymer Thioredoxin
2 non-polymer 'CITRIC ACID'
3 water water
#
_entity_poly.entity_id   1
_entity_poly.type   'polypeptide(L)'
_entity_poly.pdbx_seq_one_letter_code
;GPGSMSCYNEITTLLEFDSNDINTTQRINMVNNVTDSSFKNEVLESDLPVMVDFWAEWCGPCKMLIPIIDEISKELQDKV
KVLKMNIDENPKTPSEYGIRSIPTIMLFKNGEQKDTKIGLQQKNSLLDWINKSI
;
_entity_poly.pdbx_strand_id   A
#
loop_
_chem_comp.id
_chem_comp.type
_chem_comp.name
_chem_comp.formula
CIT non-polymer 'CITRIC ACID' 'C6 H8 O7'
#
# COMPACT_ATOMS: atom_id res chain seq x y z
N ILE A 22 30.23 -2.47 6.05
CA ILE A 22 28.96 -2.73 6.73
C ILE A 22 28.19 -1.43 6.91
N ASN A 23 26.93 -1.40 6.47
CA ASN A 23 26.09 -0.21 6.56
C ASN A 23 24.75 -0.60 7.16
N THR A 24 23.85 0.36 7.32
CA THR A 24 22.50 0.04 7.76
C THR A 24 21.74 -0.64 6.63
N THR A 25 21.06 -1.73 6.96
CA THR A 25 20.33 -2.48 5.94
C THR A 25 19.20 -1.64 5.34
N GLN A 26 18.85 -1.94 4.10
CA GLN A 26 17.66 -1.35 3.47
C GLN A 26 16.37 -1.97 3.97
N ARG A 27 16.44 -3.09 4.70
CA ARG A 27 15.24 -3.71 5.28
C ARG A 27 14.75 -2.83 6.43
N ILE A 28 13.94 -1.83 6.10
CA ILE A 28 13.38 -0.94 7.12
C ILE A 28 12.40 -1.71 8.00
N ASN A 29 11.73 -2.71 7.44
CA ASN A 29 10.81 -3.58 8.19
C ASN A 29 9.80 -2.75 8.98
N MET A 30 9.31 -1.68 8.35
CA MET A 30 8.52 -0.67 9.02
C MET A 30 7.81 0.23 8.00
N VAL A 31 6.52 0.47 8.21
CA VAL A 31 5.73 1.38 7.38
C VAL A 31 4.46 1.67 8.15
N ASN A 32 3.89 2.86 7.96
CA ASN A 32 2.74 3.23 8.80
C ASN A 32 1.46 2.48 8.42
N ASN A 33 0.66 2.19 9.43
CA ASN A 33 -0.63 1.52 9.31
C ASN A 33 -1.76 2.54 9.25
N VAL A 34 -2.79 2.19 8.49
CA VAL A 34 -4.00 2.99 8.36
C VAL A 34 -5.17 2.06 8.65
N THR A 35 -6.26 2.62 9.18
CA THR A 35 -7.37 1.81 9.69
C THR A 35 -8.67 2.30 9.08
N ASP A 36 -9.77 1.58 9.37
CA ASP A 36 -11.06 2.08 8.93
C ASP A 36 -11.34 3.44 9.55
N SER A 37 -10.84 3.68 10.77
CA SER A 37 -11.07 4.94 11.47
CA SER A 37 -11.10 4.95 11.43
C SER A 37 -10.29 6.09 10.82
N SER A 38 -9.08 5.82 10.34
CA SER A 38 -8.20 6.87 9.86
C SER A 38 -8.11 6.95 8.34
N PHE A 39 -8.84 6.10 7.61
CA PHE A 39 -8.65 6.04 6.16
C PHE A 39 -8.97 7.37 5.49
N LYS A 40 -10.15 7.94 5.80
CA LYS A 40 -10.51 9.22 5.20
C LYS A 40 -9.46 10.26 5.53
N ASN A 41 -9.06 10.30 6.80
CA ASN A 41 -8.14 11.31 7.29
C ASN A 41 -6.77 11.23 6.62
N GLU A 42 -6.21 10.02 6.51
CA GLU A 42 -4.84 9.83 6.03
C GLU A 42 -4.77 9.60 4.54
N VAL A 43 -5.82 9.02 3.94
CA VAL A 43 -5.76 8.67 2.53
C VAL A 43 -6.54 9.67 1.69
N LEU A 44 -7.85 9.77 1.92
CA LEU A 44 -8.68 10.60 1.05
C LEU A 44 -8.41 12.10 1.20
N GLU A 45 -7.87 12.53 2.34
CA GLU A 45 -7.65 13.96 2.56
C GLU A 45 -6.23 14.39 2.21
N SER A 46 -5.37 13.46 1.80
CA SER A 46 -3.98 13.78 1.53
C SER A 46 -3.83 14.54 0.22
N ASP A 47 -2.84 15.46 0.19
CA ASP A 47 -2.47 16.08 -1.06
C ASP A 47 -1.49 15.23 -1.86
N LEU A 48 -0.70 14.37 -1.18
CA LEU A 48 0.17 13.46 -1.90
C LEU A 48 -0.65 12.30 -2.47
N PRO A 49 -0.22 11.74 -3.59
CA PRO A 49 -0.76 10.43 -3.96
C PRO A 49 -0.50 9.46 -2.82
N VAL A 50 -1.43 8.53 -2.64
CA VAL A 50 -1.31 7.56 -1.54
C VAL A 50 -1.38 6.16 -2.12
N MET A 51 -0.48 5.30 -1.68
CA MET A 51 -0.52 3.88 -2.01
C MET A 51 -0.91 3.12 -0.74
N VAL A 52 -1.95 2.28 -0.81
CA VAL A 52 -2.35 1.48 0.34
C VAL A 52 -2.22 0.00 -0.01
N ASP A 53 -1.47 -0.74 0.83
CA ASP A 53 -1.28 -2.18 0.74
C ASP A 53 -2.29 -2.86 1.67
N PHE A 54 -3.27 -3.55 1.10
CA PHE A 54 -4.26 -4.29 1.87
C PHE A 54 -3.76 -5.70 2.09
N TRP A 55 -3.70 -6.14 3.35
CA TRP A 55 -2.96 -7.33 3.70
C TRP A 55 -3.61 -8.00 4.91
N ALA A 56 -3.21 -9.24 5.14
CA ALA A 56 -3.55 -9.93 6.39
C ALA A 56 -2.44 -10.91 6.71
N GLU A 57 -2.36 -11.27 8.01
CA GLU A 57 -1.25 -12.09 8.50
C GLU A 57 -1.29 -13.49 7.93
N TRP A 58 -2.49 -13.98 7.60
CA TRP A 58 -2.64 -15.34 7.09
C TRP A 58 -2.31 -15.45 5.61
N CYS A 59 -2.04 -14.35 4.92
CA CYS A 59 -1.86 -14.33 3.47
CA CYS A 59 -1.85 -14.38 3.47
C CYS A 59 -0.37 -14.46 3.14
N GLY A 60 0.04 -15.61 2.61
CA GLY A 60 1.42 -15.84 2.25
C GLY A 60 2.01 -14.80 1.32
N PRO A 61 1.36 -14.56 0.18
CA PRO A 61 1.87 -13.53 -0.73
C PRO A 61 1.93 -12.15 -0.11
N CYS A 62 0.98 -11.82 0.78
CA CYS A 62 1.07 -10.53 1.46
CA CYS A 62 1.05 -10.54 1.49
C CYS A 62 2.35 -10.42 2.24
N LYS A 63 2.76 -11.48 2.93
CA LYS A 63 3.97 -11.39 3.75
C LYS A 63 5.20 -11.24 2.88
N MET A 64 5.17 -11.82 1.68
CA MET A 64 6.27 -11.61 0.73
C MET A 64 6.30 -10.18 0.23
N LEU A 65 5.15 -9.52 0.16
CA LEU A 65 5.05 -8.18 -0.38
C LEU A 65 5.44 -7.12 0.64
N ILE A 66 5.27 -7.39 1.95
CA ILE A 66 5.52 -6.37 2.99
C ILE A 66 6.92 -5.76 2.89
N PRO A 67 8.01 -6.52 2.80
CA PRO A 67 9.33 -5.87 2.71
C PRO A 67 9.49 -5.05 1.44
N ILE A 68 8.84 -5.45 0.36
CA ILE A 68 8.89 -4.65 -0.87
C ILE A 68 8.23 -3.30 -0.63
N ILE A 69 7.07 -3.32 0.03
CA ILE A 69 6.34 -2.09 0.36
C ILE A 69 7.20 -1.19 1.24
N ASP A 70 7.94 -1.80 2.18
CA ASP A 70 8.83 -1.02 3.04
C ASP A 70 9.89 -0.31 2.21
N GLU A 71 10.52 -1.03 1.29
CA GLU A 71 11.60 -0.42 0.51
C GLU A 71 11.05 0.68 -0.39
N ILE A 72 9.87 0.48 -0.96
CA ILE A 72 9.32 1.46 -1.88
C ILE A 72 8.93 2.73 -1.16
N SER A 73 8.45 2.60 0.09
CA SER A 73 8.13 3.79 0.87
CA SER A 73 8.13 3.80 0.85
C SER A 73 9.34 4.72 0.97
N LYS A 74 10.53 4.14 1.15
CA LYS A 74 11.74 4.96 1.22
C LYS A 74 12.09 5.54 -0.15
N GLU A 75 12.04 4.72 -1.20
CA GLU A 75 12.39 5.22 -2.53
C GLU A 75 11.39 6.26 -3.03
N LEU A 76 10.17 6.26 -2.48
CA LEU A 76 9.14 7.22 -2.89
C LEU A 76 8.91 8.30 -1.84
N GLN A 77 9.85 8.50 -0.92
CA GLN A 77 9.67 9.53 0.10
C GLN A 77 9.47 10.91 -0.53
N ASP A 78 8.54 11.67 0.04
CA ASP A 78 8.12 13.00 -0.40
C ASP A 78 7.43 12.99 -1.76
N LYS A 79 7.18 11.84 -2.35
CA LYS A 79 6.44 11.75 -3.59
C LYS A 79 5.14 10.97 -3.44
N VAL A 80 5.15 9.85 -2.72
CA VAL A 80 3.96 9.04 -2.50
C VAL A 80 3.93 8.66 -1.04
N LYS A 81 2.76 8.82 -0.40
CA LYS A 81 2.58 8.31 0.94
C LYS A 81 2.23 6.84 0.86
N VAL A 82 2.99 6.00 1.56
CA VAL A 82 2.79 4.55 1.52
C VAL A 82 2.28 4.06 2.87
N LEU A 83 1.19 3.30 2.83
CA LEU A 83 0.54 2.83 4.05
C LEU A 83 0.11 1.39 3.87
N LYS A 84 -0.07 0.68 4.98
CA LYS A 84 -0.65 -0.64 4.87
C LYS A 84 -1.89 -0.75 5.75
N MET A 85 -2.86 -1.52 5.29
CA MET A 85 -4.12 -1.71 6.00
C MET A 85 -4.38 -3.20 6.20
N ASN A 86 -4.49 -3.62 7.45
CA ASN A 86 -4.79 -5.01 7.76
C ASN A 86 -6.30 -5.21 7.64
N ILE A 87 -6.72 -6.12 6.74
CA ILE A 87 -8.15 -6.23 6.43
C ILE A 87 -8.89 -7.10 7.41
N ASP A 88 -8.19 -7.84 8.28
CA ASP A 88 -8.88 -8.53 9.37
C ASP A 88 -9.40 -7.51 10.38
N GLU A 89 -8.55 -6.56 10.74
CA GLU A 89 -8.87 -5.51 11.70
C GLU A 89 -9.70 -4.40 11.09
N ASN A 90 -9.63 -4.24 9.77
CA ASN A 90 -10.25 -3.13 9.05
C ASN A 90 -10.96 -3.66 7.82
N PRO A 91 -12.12 -4.30 8.00
CA PRO A 91 -12.83 -4.89 6.87
C PRO A 91 -13.68 -3.92 6.09
N LYS A 92 -13.99 -2.75 6.64
CA LYS A 92 -15.00 -1.94 5.97
C LYS A 92 -14.43 -1.27 4.72
N THR A 93 -13.23 -0.70 4.82
CA THR A 93 -12.66 0.00 3.66
C THR A 93 -12.46 -0.92 2.46
N PRO A 94 -11.89 -2.11 2.59
CA PRO A 94 -11.80 -2.98 1.41
C PRO A 94 -13.16 -3.27 0.81
N SER A 95 -14.19 -3.42 1.66
CA SER A 95 -15.53 -3.66 1.15
C SER A 95 -16.03 -2.49 0.31
N GLU A 96 -15.71 -1.27 0.74
CA GLU A 96 -16.21 -0.08 0.06
C GLU A 96 -15.59 0.07 -1.32
N TYR A 97 -14.36 -0.42 -1.50
CA TYR A 97 -13.65 -0.27 -2.76
C TYR A 97 -13.62 -1.56 -3.56
N GLY A 98 -14.47 -2.53 -3.23
CA GLY A 98 -14.60 -3.71 -4.05
C GLY A 98 -13.46 -4.69 -3.95
N ILE A 99 -12.71 -4.70 -2.86
CA ILE A 99 -11.56 -5.59 -2.73
C ILE A 99 -12.05 -6.96 -2.32
N ARG A 100 -11.84 -7.97 -3.18
CA ARG A 100 -12.32 -9.32 -2.93
C ARG A 100 -11.22 -10.29 -2.59
N SER A 101 -9.96 -9.89 -2.74
CA SER A 101 -8.84 -10.79 -2.50
C SER A 101 -7.63 -9.95 -2.17
N ILE A 102 -6.64 -10.59 -1.56
CA ILE A 102 -5.39 -9.93 -1.20
C ILE A 102 -4.24 -10.82 -1.63
N PRO A 103 -3.05 -10.23 -1.83
CA PRO A 103 -2.70 -8.81 -1.76
C PRO A 103 -3.50 -7.95 -2.72
N THR A 104 -3.88 -6.77 -2.29
CA THR A 104 -4.34 -5.73 -3.20
C THR A 104 -3.60 -4.45 -2.86
N ILE A 105 -3.13 -3.75 -3.89
CA ILE A 105 -2.48 -2.47 -3.73
C ILE A 105 -3.34 -1.46 -4.47
N MET A 106 -3.77 -0.42 -3.77
CA MET A 106 -4.62 0.59 -4.38
CA MET A 106 -4.63 0.60 -4.36
C MET A 106 -3.95 1.95 -4.27
N LEU A 107 -3.99 2.70 -5.37
CA LEU A 107 -3.45 4.04 -5.45
C LEU A 107 -4.60 5.05 -5.40
N PHE A 108 -4.41 6.12 -4.63
CA PHE A 108 -5.42 7.16 -4.47
C PHE A 108 -4.82 8.53 -4.76
N LYS A 109 -5.65 9.42 -5.29
CA LYS A 109 -5.23 10.81 -5.48
C LYS A 109 -6.46 11.69 -5.45
N ASN A 110 -6.37 12.79 -4.71
CA ASN A 110 -7.44 13.79 -4.69
C ASN A 110 -8.76 13.19 -4.26
N GLY A 111 -8.71 12.31 -3.27
CA GLY A 111 -9.90 11.80 -2.63
C GLY A 111 -10.56 10.62 -3.31
N GLU A 112 -9.96 10.10 -4.38
CA GLU A 112 -10.55 9.02 -5.15
C GLU A 112 -9.51 7.96 -5.46
N GLN A 113 -9.99 6.74 -5.65
CA GLN A 113 -9.12 5.70 -6.18
C GLN A 113 -8.63 6.10 -7.57
N LYS A 114 -7.36 5.79 -7.84
CA LYS A 114 -6.77 6.06 -9.16
C LYS A 114 -6.43 4.79 -9.92
N ASP A 115 -5.92 3.77 -9.23
CA ASP A 115 -5.62 2.49 -9.88
C ASP A 115 -5.51 1.43 -8.80
N THR A 116 -5.60 0.17 -9.24
CA THR A 116 -5.53 -0.97 -8.35
C THR A 116 -4.83 -2.12 -9.05
N LYS A 117 -4.03 -2.88 -8.30
CA LYS A 117 -3.53 -4.18 -8.77
C LYS A 117 -3.67 -5.22 -7.67
N ILE A 118 -3.96 -6.44 -8.11
CA ILE A 118 -4.13 -7.60 -7.24
C ILE A 118 -2.91 -8.51 -7.35
N GLY A 119 -2.48 -9.07 -6.23
CA GLY A 119 -1.44 -10.07 -6.24
C GLY A 119 -0.06 -9.51 -5.93
N LEU A 120 0.85 -10.42 -5.62
CA LEU A 120 2.25 -10.05 -5.42
C LEU A 120 2.76 -9.30 -6.66
N GLN A 121 3.48 -8.22 -6.42
CA GLN A 121 4.16 -7.48 -7.48
C GLN A 121 5.62 -7.32 -7.07
N GLN A 122 6.53 -7.52 -8.01
CA GLN A 122 7.93 -7.35 -7.68
C GLN A 122 8.29 -5.86 -7.69
N LYS A 123 9.41 -5.56 -7.03
CA LYS A 123 9.72 -4.17 -6.68
C LYS A 123 9.85 -3.28 -7.90
N ASN A 124 10.63 -3.70 -8.90
CA ASN A 124 10.81 -2.84 -10.07
C ASN A 124 9.49 -2.58 -10.78
N SER A 125 8.68 -3.63 -10.96
CA SER A 125 7.38 -3.46 -11.60
CA SER A 125 7.38 -3.45 -11.60
C SER A 125 6.49 -2.52 -10.80
N LEU A 126 6.48 -2.68 -9.47
CA LEU A 126 5.67 -1.82 -8.62
C LEU A 126 6.10 -0.36 -8.74
N LEU A 127 7.40 -0.09 -8.72
CA LEU A 127 7.87 1.28 -8.87
C LEU A 127 7.51 1.83 -10.24
N ASP A 128 7.69 1.02 -11.28
CA ASP A 128 7.30 1.46 -12.62
CA ASP A 128 7.31 1.47 -12.62
C ASP A 128 5.84 1.84 -12.68
N TRP A 129 4.98 1.02 -12.09
CA TRP A 129 3.54 1.28 -12.09
C TRP A 129 3.19 2.56 -11.34
N ILE A 130 3.76 2.74 -10.15
CA ILE A 130 3.41 3.92 -9.36
C ILE A 130 3.89 5.19 -10.07
N ASN A 131 5.10 5.16 -10.64
CA ASN A 131 5.62 6.34 -11.31
C ASN A 131 4.80 6.68 -12.55
N LYS A 132 4.23 5.66 -13.21
CA LYS A 132 3.34 5.90 -14.33
C LYS A 132 2.02 6.52 -13.92
N SER A 133 1.66 6.41 -12.63
CA SER A 133 0.34 6.72 -12.13
C SER A 133 0.27 8.06 -11.42
N ILE A 134 1.39 8.70 -11.15
CA ILE A 134 1.40 9.92 -10.36
C ILE A 134 1.84 11.13 -11.19
C1 CIT B . -0.51 14.43 4.84
O1 CIT B . 0.44 13.77 5.30
O2 CIT B . -1.35 13.89 4.09
C2 CIT B . -0.68 15.87 5.21
C3 CIT B . -0.87 16.79 3.99
O7 CIT B . -2.25 16.74 3.55
C4 CIT B . -0.53 18.22 4.37
C5 CIT B . -1.62 18.79 5.23
O3 CIT B . -2.28 19.77 4.82
O4 CIT B . -1.89 18.29 6.35
C6 CIT B . -0.04 16.34 2.82
O5 CIT B . 1.20 16.57 2.81
O6 CIT B . -0.57 15.73 1.86
C1 CIT C . -14.77 17.26 10.57
O1 CIT C . -15.12 18.47 10.51
O2 CIT C . -15.36 16.51 11.39
C2 CIT C . -13.68 16.75 9.66
C3 CIT C . -13.00 15.47 10.16
O7 CIT C . -12.50 15.67 11.52
C4 CIT C . -11.85 15.14 9.23
C5 CIT C . -10.96 14.04 9.78
O3 CIT C . -10.37 13.28 8.99
O4 CIT C . -10.80 13.87 11.01
C6 CIT C . -14.00 14.34 10.11
O5 CIT C . -14.73 14.21 9.11
O6 CIT C . -14.11 13.54 11.06
#